data_4CB5
#
_entry.id   4CB5
#
_cell.length_a   82.170
_cell.length_b   82.170
_cell.length_c   54.840
_cell.angle_alpha   90.00
_cell.angle_beta   90.00
_cell.angle_gamma   120.00
#
_symmetry.space_group_name_H-M   'P 65'
#
loop_
_entity.id
_entity.type
_entity.pdbx_description
1 polymer 'POLYMERASE BASIC SUBUNIT 2'
2 non-polymer 9-N-(3-CARBOXY-4-HYDROXYPHENYL)KETOMETHYL-7-N-METHYLGUANINE
3 non-polymer 'CHLORIDE ION'
4 water water
#
_entity_poly.entity_id   1
_entity_poly.type   'polypeptide(L)'
_entity_poly.pdbx_seq_one_letter_code
;GRISSSFSFGGFTFKRTSGSSVKKEEEVLTGNLQTLKIRVHEGYEEFTMVGRRATAILRKATRRLIQLIVSGRDEQSIAE
AIIVAMVFSQEDCMIKAVRGDLNFVNRANQRLNPMHQLLRHFQKDAKVLFQNWGIEPIDNVMGMIGILPDMTPSTEMSLR
GVRVSKM
;
_entity_poly.pdbx_strand_id   A
#
# COMPACT_ATOMS: atom_id res chain seq x y z
N SER A 6 -10.69 -15.79 1.92
CA SER A 6 -9.84 -14.65 1.47
C SER A 6 -10.73 -13.53 0.91
N PHE A 7 -10.10 -12.46 0.41
CA PHE A 7 -10.76 -11.55 -0.53
C PHE A 7 -9.73 -11.03 -1.55
N SER A 8 -10.16 -10.37 -2.62
CA SER A 8 -9.26 -9.81 -3.65
C SER A 8 -9.31 -8.30 -3.64
N PHE A 9 -8.12 -7.69 -3.78
CA PHE A 9 -8.00 -6.24 -3.84
C PHE A 9 -6.78 -5.91 -4.72
N GLY A 10 -6.98 -5.10 -5.74
CA GLY A 10 -5.96 -4.70 -6.71
C GLY A 10 -5.26 -5.82 -7.39
N GLY A 11 -5.99 -6.91 -7.64
CA GLY A 11 -5.38 -8.11 -8.31
C GLY A 11 -4.62 -9.07 -7.39
N PHE A 12 -4.69 -8.81 -6.08
CA PHE A 12 -4.07 -9.68 -5.06
C PHE A 12 -5.13 -10.34 -4.19
N THR A 13 -4.88 -11.59 -3.84
CA THR A 13 -5.67 -12.30 -2.90
C THR A 13 -5.06 -12.10 -1.52
N PHE A 14 -5.84 -11.55 -0.63
CA PHE A 14 -5.38 -11.30 0.76
C PHE A 14 -5.94 -12.41 1.63
N LYS A 15 -5.10 -13.00 2.45
CA LYS A 15 -5.58 -13.99 3.40
C LYS A 15 -5.10 -13.55 4.75
N ARG A 16 -6.03 -13.32 5.67
CA ARG A 16 -5.64 -12.99 7.03
C ARG A 16 -5.05 -14.22 7.73
N THR A 17 -3.87 -14.03 8.28
CA THR A 17 -3.16 -15.05 9.08
C THR A 17 -3.15 -14.85 10.58
N SER A 18 -3.32 -13.60 11.01
N SER A 18 -3.30 -13.61 11.03
CA SER A 18 -3.49 -13.30 12.41
CA SER A 18 -3.55 -13.35 12.45
C SER A 18 -4.26 -12.00 12.59
C SER A 18 -4.23 -12.00 12.61
N GLY A 19 -4.79 -11.76 13.78
CA GLY A 19 -5.49 -10.51 14.08
C GLY A 19 -6.92 -10.52 13.65
N SER A 20 -7.54 -9.35 13.73
CA SER A 20 -8.93 -9.20 13.40
C SER A 20 -9.18 -7.71 13.24
N SER A 21 -10.32 -7.41 12.63
CA SER A 21 -10.72 -6.03 12.45
C SER A 21 -12.21 -5.85 12.31
N VAL A 22 -12.63 -4.62 12.57
CA VAL A 22 -14.00 -4.18 12.30
C VAL A 22 -14.03 -3.02 11.30
N LYS A 23 -15.15 -2.90 10.59
CA LYS A 23 -15.28 -1.92 9.52
C LYS A 23 -16.05 -0.75 10.05
N LYS A 24 -15.63 0.46 9.70
N LYS A 24 -15.68 0.44 9.62
CA LYS A 24 -16.44 1.66 9.88
CA LYS A 24 -16.48 1.62 9.82
C LYS A 24 -16.11 2.76 8.85
C LYS A 24 -16.12 2.75 8.84
N GLU A 25 -17.14 3.52 8.47
CA GLU A 25 -16.96 4.59 7.49
C GLU A 25 -16.30 5.75 8.21
N GLU A 26 -15.33 6.38 7.55
CA GLU A 26 -14.59 7.51 8.11
C GLU A 26 -14.29 8.51 6.99
N GLU A 27 -14.27 9.78 7.31
CA GLU A 27 -13.78 10.78 6.37
C GLU A 27 -12.25 10.98 6.54
N VAL A 28 -11.60 11.23 5.44
CA VAL A 28 -10.20 11.55 5.35
C VAL A 28 -10.02 12.71 4.38
N LEU A 29 -8.92 13.46 4.54
CA LEU A 29 -8.60 14.62 3.73
C LEU A 29 -7.35 14.33 2.93
N THR A 30 -7.44 14.59 1.64
CA THR A 30 -6.30 14.44 0.77
C THR A 30 -5.34 15.56 0.88
N GLY A 31 -4.25 15.42 0.18
CA GLY A 31 -3.26 16.48 0.14
C GLY A 31 -3.81 17.80 -0.42
N ASN A 32 -4.80 17.70 -1.31
CA ASN A 32 -5.58 18.88 -1.87
C ASN A 32 -6.82 19.19 -1.09
N LEU A 33 -6.92 18.63 0.09
CA LEU A 33 -8.03 18.90 1.02
C LEU A 33 -9.38 18.57 0.47
N GLN A 34 -9.42 17.50 -0.36
CA GLN A 34 -10.70 16.85 -0.73
C GLN A 34 -11.08 15.88 0.38
N THR A 35 -12.34 15.84 0.77
CA THR A 35 -12.83 14.88 1.78
C THR A 35 -13.29 13.65 1.07
N LEU A 36 -12.72 12.51 1.42
CA LEU A 36 -13.19 11.20 0.91
C LEU A 36 -13.84 10.39 2.01
N LYS A 37 -14.89 9.65 1.71
CA LYS A 37 -15.56 8.76 2.68
C LYS A 37 -15.08 7.36 2.37
N ILE A 38 -14.23 6.82 3.23
CA ILE A 38 -13.66 5.48 3.04
C ILE A 38 -14.09 4.52 4.14
N ARG A 39 -14.19 3.25 3.76
CA ARG A 39 -14.39 2.16 4.72
C ARG A 39 -13.06 1.83 5.40
N VAL A 40 -12.93 2.23 6.67
CA VAL A 40 -11.73 2.00 7.43
C VAL A 40 -11.87 0.68 8.13
N HIS A 41 -10.79 -0.08 8.13
CA HIS A 41 -10.74 -1.34 8.87
C HIS A 41 -9.94 -1.10 10.16
N GLU A 42 -10.53 -1.38 11.31
CA GLU A 42 -9.92 -1.00 12.60
C GLU A 42 -9.43 -2.27 13.24
N GLY A 43 -8.13 -2.36 13.52
CA GLY A 43 -7.54 -3.55 14.11
C GLY A 43 -6.18 -3.90 13.54
N TYR A 44 -5.44 -4.61 14.36
CA TYR A 44 -4.15 -5.11 13.95
C TYR A 44 -4.35 -6.42 13.23
N GLU A 45 -3.75 -6.59 12.04
CA GLU A 45 -3.98 -7.81 11.25
C GLU A 45 -2.68 -8.13 10.49
N GLU A 46 -2.49 -9.42 10.25
CA GLU A 46 -1.44 -9.89 9.37
C GLU A 46 -2.07 -10.63 8.22
N PHE A 47 -1.44 -10.48 7.03
CA PHE A 47 -1.99 -11.03 5.81
C PHE A 47 -0.88 -11.63 5.01
N THR A 48 -1.24 -12.64 4.25
CA THR A 48 -0.49 -12.98 3.00
C THR A 48 -1.18 -12.29 1.84
N MET A 49 -0.40 -11.72 0.92
CA MET A 49 -0.89 -11.09 -0.31
C MET A 49 -0.34 -11.91 -1.45
N VAL A 50 -1.18 -12.50 -2.28
CA VAL A 50 -0.74 -13.39 -3.33
C VAL A 50 -1.28 -12.88 -4.66
N GLY A 51 -0.36 -12.56 -5.54
CA GLY A 51 -0.64 -12.16 -6.90
C GLY A 51 -0.01 -13.11 -7.85
N ARG A 52 -0.33 -12.90 -9.15
CA ARG A 52 0.25 -13.71 -10.18
C ARG A 52 1.72 -13.52 -10.37
N ARG A 53 2.18 -12.31 -10.05
CA ARG A 53 3.56 -11.92 -10.38
C ARG A 53 4.37 -11.42 -9.15
N ALA A 54 3.73 -11.34 -8.00
CA ALA A 54 4.41 -11.04 -6.74
C ALA A 54 3.59 -11.58 -5.58
N THR A 55 4.27 -11.73 -4.45
CA THR A 55 3.69 -12.22 -3.17
C THR A 55 4.28 -11.37 -2.06
N ALA A 56 3.55 -11.22 -0.96
CA ALA A 56 4.04 -10.40 0.18
C ALA A 56 3.44 -10.88 1.46
N ILE A 57 4.12 -10.64 2.54
CA ILE A 57 3.55 -10.71 3.88
C ILE A 57 3.43 -9.28 4.39
N LEU A 58 2.23 -8.99 4.90
CA LEU A 58 1.88 -7.68 5.39
C LEU A 58 1.40 -7.77 6.86
N ARG A 59 1.94 -6.87 7.69
CA ARG A 59 1.47 -6.60 8.99
C ARG A 59 1.01 -5.15 9.01
N LYS A 60 -0.22 -4.93 9.50
CA LYS A 60 -0.80 -3.59 9.57
C LYS A 60 -1.62 -3.41 10.80
N ALA A 61 -1.74 -2.14 11.15
CA ALA A 61 -2.69 -1.75 12.19
C ALA A 61 -3.69 -0.77 11.53
N THR A 62 -4.53 -0.10 12.32
CA THR A 62 -5.50 0.77 11.75
C THR A 62 -4.82 1.91 11.07
N ARG A 63 -5.09 2.03 9.77
CA ARG A 63 -4.46 3.10 8.98
C ARG A 63 -2.95 3.18 9.04
N ARG A 64 -2.31 2.01 9.22
CA ARG A 64 -0.85 2.03 9.39
C ARG A 64 -0.21 0.78 8.89
N LEU A 65 0.73 0.96 7.96
CA LEU A 65 1.52 -0.17 7.52
C LEU A 65 2.72 -0.36 8.47
N ILE A 66 2.87 -1.59 9.00
N ILE A 66 2.88 -1.58 9.00
CA ILE A 66 3.90 -1.85 9.94
CA ILE A 66 3.93 -1.83 9.93
C ILE A 66 5.04 -2.58 9.25
C ILE A 66 5.06 -2.60 9.25
N GLN A 67 4.73 -3.64 8.48
CA GLN A 67 5.80 -4.39 7.77
C GLN A 67 5.20 -4.95 6.49
N LEU A 68 6.00 -4.92 5.42
CA LEU A 68 5.67 -5.49 4.13
C LEU A 68 6.96 -6.08 3.61
N ILE A 69 6.96 -7.42 3.48
CA ILE A 69 8.08 -8.08 2.84
C ILE A 69 7.60 -8.66 1.52
N VAL A 70 8.19 -8.24 0.39
CA VAL A 70 7.60 -8.53 -0.88
C VAL A 70 8.60 -9.18 -1.75
N SER A 71 8.14 -10.15 -2.55
CA SER A 71 8.96 -10.76 -3.61
C SER A 71 8.16 -10.82 -4.88
N GLY A 72 8.86 -10.91 -5.98
CA GLY A 72 8.14 -10.97 -7.26
C GLY A 72 9.01 -11.18 -8.47
N ARG A 73 8.41 -11.27 -9.66
CA ARG A 73 9.16 -11.54 -10.87
C ARG A 73 10.26 -10.49 -11.20
N ASP A 74 9.94 -9.21 -11.05
CA ASP A 74 10.85 -8.14 -11.37
C ASP A 74 10.36 -6.87 -10.76
N GLU A 75 11.06 -5.76 -10.99
CA GLU A 75 10.76 -4.50 -10.32
C GLU A 75 9.33 -4.07 -10.59
N GLN A 76 8.85 -4.21 -11.81
CA GLN A 76 7.45 -3.69 -12.07
C GLN A 76 6.41 -4.44 -11.19
N SER A 77 6.62 -5.74 -10.99
CA SER A 77 5.65 -6.46 -10.24
C SER A 77 5.72 -6.22 -8.76
N ILE A 78 6.95 -6.01 -8.29
CA ILE A 78 7.19 -5.78 -6.93
C ILE A 78 6.63 -4.38 -6.63
N ALA A 79 6.95 -3.40 -7.47
CA ALA A 79 6.41 -2.04 -7.30
C ALA A 79 4.92 -2.02 -7.23
N GLU A 80 4.29 -2.74 -8.12
CA GLU A 80 2.82 -2.82 -8.10
C GLU A 80 2.28 -3.40 -6.79
N ALA A 81 2.91 -4.45 -6.26
CA ALA A 81 2.52 -4.98 -4.97
C ALA A 81 2.70 -3.94 -3.84
N ILE A 82 3.79 -3.17 -3.92
CA ILE A 82 4.01 -2.14 -2.94
C ILE A 82 2.92 -1.09 -2.98
N ILE A 83 2.54 -0.67 -4.18
CA ILE A 83 1.50 0.34 -4.34
C ILE A 83 0.20 -0.24 -3.73
N VAL A 84 -0.15 -1.48 -4.05
CA VAL A 84 -1.42 -2.04 -3.56
C VAL A 84 -1.41 -2.12 -2.04
N ALA A 85 -0.28 -2.55 -1.48
CA ALA A 85 -0.16 -2.59 -0.05
C ALA A 85 -0.24 -1.23 0.61
N MET A 86 0.39 -0.22 0.01
CA MET A 86 0.37 1.13 0.58
C MET A 86 -1.08 1.65 0.58
N VAL A 87 -1.82 1.43 -0.49
CA VAL A 87 -3.19 1.93 -0.58
C VAL A 87 -4.06 1.12 0.39
N PHE A 88 -3.89 -0.20 0.42
CA PHE A 88 -4.67 -1.05 1.35
C PHE A 88 -4.42 -0.65 2.82
N SER A 89 -3.24 -0.18 3.14
CA SER A 89 -2.93 0.27 4.52
C SER A 89 -3.81 1.35 4.98
N GLN A 90 -4.27 2.17 4.06
CA GLN A 90 -5.11 3.35 4.37
C GLN A 90 -4.34 4.42 5.13
N GLU A 91 -3.01 4.39 5.02
CA GLU A 91 -2.18 5.38 5.74
C GLU A 91 -2.45 6.80 5.34
N ASP A 92 -2.37 7.73 6.29
CA ASP A 92 -2.54 9.15 5.97
C ASP A 92 -1.51 9.67 4.94
N CYS A 93 -0.26 9.20 4.98
CA CYS A 93 0.70 9.77 4.02
C CYS A 93 0.31 9.34 2.59
N MET A 94 -0.38 8.23 2.46
CA MET A 94 -0.83 7.86 1.13
C MET A 94 -2.00 8.76 0.69
N ILE A 95 -2.94 9.02 1.59
CA ILE A 95 -4.10 9.87 1.24
C ILE A 95 -3.59 11.30 0.94
N LYS A 96 -2.66 11.76 1.75
CA LYS A 96 -2.05 13.08 1.59
C LYS A 96 -1.18 13.22 0.33
N ALA A 97 -0.81 12.08 -0.28
CA ALA A 97 -0.02 12.11 -1.52
C ALA A 97 -0.87 12.37 -2.73
N VAL A 98 -2.21 12.30 -2.57
CA VAL A 98 -3.12 12.86 -3.59
C VAL A 98 -3.09 14.38 -3.51
N ARG A 99 -2.43 15.02 -4.48
CA ARG A 99 -2.17 16.46 -4.40
C ARG A 99 -3.03 17.30 -5.32
N GLY A 100 -3.83 16.63 -6.13
CA GLY A 100 -4.85 17.24 -7.00
C GLY A 100 -6.23 16.63 -6.72
N ASP A 101 -7.27 17.15 -7.34
CA ASP A 101 -8.61 16.59 -7.05
C ASP A 101 -8.75 15.26 -7.78
N LEU A 102 -9.44 14.32 -7.14
CA LEU A 102 -9.84 13.08 -7.81
C LEU A 102 -11.19 13.29 -8.48
N ASN A 103 -11.37 12.66 -9.64
CA ASN A 103 -12.58 12.81 -10.46
C ASN A 103 -13.61 11.69 -10.11
N PHE A 104 -14.69 12.04 -9.41
CA PHE A 104 -15.75 11.04 -9.12
C PHE A 104 -16.97 11.22 -10.00
N VAL A 105 -16.82 12.00 -11.08
CA VAL A 105 -17.96 12.21 -11.97
C VAL A 105 -17.86 11.52 -13.32
N ASN A 106 -16.64 11.25 -13.78
CA ASN A 106 -16.48 10.53 -15.06
C ASN A 106 -17.23 9.21 -14.98
N ARG A 107 -18.05 8.96 -15.99
CA ARG A 107 -18.93 7.83 -16.01
C ARG A 107 -18.13 6.56 -15.72
N ALA A 108 -16.87 6.54 -16.16
CA ALA A 108 -16.02 5.37 -15.95
C ALA A 108 -15.59 5.22 -14.50
N ASN A 109 -15.72 6.29 -13.72
CA ASN A 109 -15.36 6.23 -12.28
C ASN A 109 -16.50 6.14 -11.26
N GLN A 110 -17.73 5.96 -11.72
CA GLN A 110 -18.92 6.12 -10.88
C GLN A 110 -19.20 4.86 -10.08
N ARG A 111 -18.54 3.77 -10.45
CA ARG A 111 -18.69 2.52 -9.70
C ARG A 111 -17.39 2.15 -8.99
N LEU A 112 -16.52 3.14 -8.79
CA LEU A 112 -15.33 2.91 -7.93
C LEU A 112 -15.64 3.52 -6.59
N ASN A 113 -15.45 2.71 -5.55
CA ASN A 113 -15.46 3.27 -4.22
C ASN A 113 -14.18 4.04 -3.99
N PRO A 114 -14.16 4.86 -2.96
CA PRO A 114 -12.97 5.72 -2.87
C PRO A 114 -11.65 4.96 -2.74
N MET A 115 -11.66 3.82 -2.04
CA MET A 115 -10.46 2.97 -1.97
C MET A 115 -9.95 2.60 -3.38
N HIS A 116 -10.87 2.32 -4.28
CA HIS A 116 -10.53 1.98 -5.64
C HIS A 116 -10.18 3.18 -6.47
N GLN A 117 -10.75 4.35 -6.17
CA GLN A 117 -10.27 5.59 -6.81
C GLN A 117 -8.79 5.89 -6.43
N LEU A 118 -8.46 5.68 -5.15
CA LEU A 118 -7.10 5.92 -4.68
C LEU A 118 -6.19 4.90 -5.35
N LEU A 119 -6.59 3.63 -5.40
CA LEU A 119 -5.71 2.62 -6.07
C LEU A 119 -5.43 3.03 -7.52
N ARG A 120 -6.48 3.34 -8.26
CA ARG A 120 -6.30 3.73 -9.68
C ARG A 120 -5.40 4.95 -9.83
N HIS A 121 -5.59 5.94 -8.96
CA HIS A 121 -4.70 7.10 -8.97
C HIS A 121 -3.19 6.77 -8.87
N PHE A 122 -2.82 5.93 -7.89
CA PHE A 122 -1.43 5.61 -7.70
C PHE A 122 -0.89 4.58 -8.69
N GLN A 123 -1.76 3.75 -9.27
CA GLN A 123 -1.43 2.87 -10.41
C GLN A 123 -1.01 3.68 -11.61
N LYS A 124 -1.66 4.80 -11.87
CA LYS A 124 -1.31 5.67 -13.00
C LYS A 124 0.09 6.18 -12.78
N ASP A 125 0.37 6.66 -11.55
CA ASP A 125 1.67 7.27 -11.24
C ASP A 125 1.84 7.25 -9.69
N ALA A 126 2.87 6.53 -9.24
CA ALA A 126 3.15 6.36 -7.82
C ALA A 126 4.30 7.24 -7.35
N LYS A 127 4.78 8.17 -8.16
CA LYS A 127 6.02 8.92 -7.72
C LYS A 127 5.84 9.72 -6.39
N VAL A 128 4.76 10.46 -6.32
CA VAL A 128 4.48 11.26 -5.14
C VAL A 128 4.21 10.35 -3.93
N LEU A 129 3.44 9.26 -4.15
CA LEU A 129 3.24 8.27 -3.12
C LEU A 129 4.61 7.85 -2.50
N PHE A 130 5.50 7.36 -3.37
CA PHE A 130 6.78 6.90 -2.95
C PHE A 130 7.66 7.98 -2.33
N GLN A 131 7.64 9.17 -2.92
CA GLN A 131 8.41 10.28 -2.40
C GLN A 131 7.97 10.77 -1.02
N ASN A 132 6.71 10.56 -0.67
CA ASN A 132 6.20 11.05 0.62
C ASN A 132 5.91 9.99 1.67
N TRP A 133 6.20 8.73 1.36
CA TRP A 133 5.96 7.68 2.30
C TRP A 133 6.95 7.70 3.47
N GLY A 134 8.20 8.05 3.19
CA GLY A 134 9.25 7.98 4.19
C GLY A 134 10.26 6.87 3.96
N ILE A 135 11.51 7.17 4.28
CA ILE A 135 12.57 6.18 4.30
C ILE A 135 13.17 5.96 5.69
N GLU A 136 13.78 4.79 5.88
CA GLU A 136 14.46 4.51 7.14
C GLU A 136 15.76 3.77 6.89
N PRO A 137 16.70 3.85 7.84
CA PRO A 137 17.87 3.00 7.71
C PRO A 137 17.51 1.56 7.98
N ILE A 138 18.22 0.66 7.29
CA ILE A 138 18.01 -0.75 7.49
C ILE A 138 19.29 -1.33 8.07
N ASP A 139 19.12 -2.36 8.87
CA ASP A 139 20.19 -3.26 9.23
C ASP A 139 19.83 -4.45 8.36
N ASN A 140 20.48 -4.50 7.20
CA ASN A 140 20.03 -5.38 6.16
C ASN A 140 20.22 -6.82 6.62
N VAL A 141 19.12 -7.58 6.47
CA VAL A 141 19.03 -9.04 6.71
C VAL A 141 19.43 -9.84 5.46
N MET A 142 20.20 -10.90 5.65
CA MET A 142 20.61 -11.72 4.52
C MET A 142 19.37 -12.27 3.78
N GLY A 143 19.39 -12.17 2.45
CA GLY A 143 18.28 -12.63 1.60
C GLY A 143 17.23 -11.59 1.30
N MET A 144 17.38 -10.40 1.93
CA MET A 144 16.50 -9.25 1.73
C MET A 144 17.33 -8.03 1.34
N ILE A 145 16.63 -7.00 0.89
CA ILE A 145 17.24 -5.76 0.52
C ILE A 145 16.22 -4.66 0.72
N GLY A 146 16.68 -3.41 0.91
CA GLY A 146 15.79 -2.31 0.92
C GLY A 146 15.46 -1.87 -0.52
N ILE A 147 14.44 -1.01 -0.63
N ILE A 147 14.42 -1.04 -0.64
CA ILE A 147 13.99 -0.48 -1.87
CA ILE A 147 14.04 -0.48 -1.91
C ILE A 147 13.75 1.00 -1.66
C ILE A 147 13.75 0.99 -1.68
N LEU A 148 14.35 1.81 -2.52
CA LEU A 148 14.24 3.27 -2.41
C LEU A 148 13.03 3.80 -3.15
N PRO A 149 12.66 5.06 -2.91
CA PRO A 149 11.43 5.58 -3.56
C PRO A 149 11.46 5.57 -5.09
N ASP A 150 12.68 5.57 -5.64
CA ASP A 150 12.91 5.46 -7.08
C ASP A 150 12.91 4.00 -7.60
N MET A 151 12.51 3.08 -6.75
CA MET A 151 12.38 1.65 -7.06
C MET A 151 13.68 0.94 -7.42
N THR A 152 14.79 1.47 -6.93
CA THR A 152 16.07 0.83 -7.02
C THR A 152 16.49 0.24 -5.67
N PRO A 153 17.31 -0.84 -5.69
CA PRO A 153 17.62 -1.52 -4.45
C PRO A 153 18.70 -0.82 -3.64
N SER A 154 18.70 -1.08 -2.33
CA SER A 154 19.63 -0.41 -1.38
C SER A 154 19.87 -1.30 -0.20
N THR A 155 21.15 -1.43 0.18
CA THR A 155 21.51 -2.21 1.36
C THR A 155 21.49 -1.30 2.63
N GLU A 156 21.23 0.00 2.44
CA GLU A 156 21.40 0.97 3.50
C GLU A 156 20.16 1.67 4.01
N MET A 157 19.14 1.72 3.18
CA MET A 157 17.93 2.47 3.45
C MET A 157 16.82 1.76 2.67
N SER A 158 15.56 2.07 3.01
CA SER A 158 14.37 1.53 2.30
C SER A 158 13.14 2.35 2.65
N LEU A 159 12.15 2.23 1.82
CA LEU A 159 10.85 2.73 2.16
C LEU A 159 10.48 2.15 3.56
N ARG A 160 9.88 3.03 4.36
CA ARG A 160 9.55 2.72 5.70
C ARG A 160 8.70 1.46 5.74
N GLY A 161 9.18 0.44 6.47
CA GLY A 161 8.42 -0.77 6.71
C GLY A 161 8.48 -1.83 5.62
N VAL A 162 9.12 -1.48 4.51
CA VAL A 162 9.11 -2.32 3.31
C VAL A 162 10.50 -2.94 3.07
N ARG A 163 10.52 -4.23 2.75
CA ARG A 163 11.76 -4.91 2.37
C ARG A 163 11.39 -5.77 1.20
N VAL A 164 12.36 -5.99 0.30
CA VAL A 164 12.25 -6.90 -0.84
C VAL A 164 13.00 -8.16 -0.54
N SER A 165 12.37 -9.31 -0.76
CA SER A 165 13.01 -10.59 -0.58
C SER A 165 13.35 -11.14 -1.97
N LYS A 166 14.36 -11.98 -2.05
CA LYS A 166 14.57 -12.80 -3.29
C LYS A 166 13.41 -13.77 -3.47
N MET A 167 13.20 -14.18 -4.71
CA MET A 167 12.09 -15.08 -5.02
C MET A 167 12.16 -16.42 -4.23
#